data_2WJG
#
_entry.id   2WJG
#
_cell.length_a   84.770
_cell.length_b   84.770
_cell.length_c   137.900
_cell.angle_alpha   90.00
_cell.angle_beta   90.00
_cell.angle_gamma   90.00
#
_symmetry.space_group_name_H-M   'P 43 21 2'
#
loop_
_entity.id
_entity.type
_entity.pdbx_description
1 polymer 'FERROUS IRON TRANSPORT PROTEIN B HOMOLOG'
2 polymer POLYALANINE
3 non-polymer "GUANOSINE-5'-DIPHOSPHATE"
4 water water
#
loop_
_entity_poly.entity_id
_entity_poly.type
_entity_poly.pdbx_seq_one_letter_code
_entity_poly.pdbx_strand_id
1 'polypeptide(L)'
;GGSHMKSYEIALIGNPNVGKSTIFNALTGENVYIGNWPGVTVEKKEGEFEYNGEKFKVVDLPGVYSLTANSIDEIIARDY
IINEKPDLVVNIVDATALERNLYLTLQLMEMGANLLLALNKMDLAKSLGIEIDVDKLEKILGVKVVPLSAAKKMGIEELK
KAISIAVKDKKTAEIKYPNFEPYIKKIT
;
A,B
2 'polypeptide(L)' AAAAAAA C
#
# COMPACT_ATOMS: atom_id res chain seq x y z
N GLY A 1 3.54 -36.80 30.61
CA GLY A 1 4.41 -37.26 29.56
C GLY A 1 4.01 -36.72 28.19
N GLY A 2 4.68 -37.19 27.15
CA GLY A 2 4.36 -36.79 25.78
C GLY A 2 5.47 -36.04 25.07
N SER A 3 5.09 -35.35 24.01
CA SER A 3 6.04 -34.57 23.22
C SER A 3 5.97 -33.08 23.54
N HIS A 4 7.11 -32.40 23.48
CA HIS A 4 7.17 -30.96 23.65
C HIS A 4 7.83 -30.34 22.43
N MET A 5 7.04 -29.80 21.52
CA MET A 5 7.61 -29.10 20.39
C MET A 5 8.04 -27.72 20.88
N LYS A 6 9.29 -27.36 20.62
CA LYS A 6 9.74 -26.03 21.02
C LYS A 6 8.88 -25.03 20.26
N SER A 7 8.56 -23.92 20.92
CA SER A 7 7.59 -22.99 20.36
C SER A 7 8.16 -21.58 20.31
N TYR A 8 7.72 -20.81 19.32
CA TYR A 8 8.15 -19.42 19.20
C TYR A 8 6.99 -18.50 18.87
N GLU A 9 7.19 -17.22 19.13
CA GLU A 9 6.18 -16.21 18.87
C GLU A 9 6.78 -15.17 17.94
N ILE A 10 6.19 -14.99 16.77
CA ILE A 10 6.68 -13.96 15.90
C ILE A 10 5.57 -13.01 15.49
N ALA A 11 5.94 -11.78 15.20
CA ALA A 11 4.96 -10.76 14.84
C ALA A 11 5.31 -10.26 13.46
N LEU A 12 4.28 -9.95 12.66
CA LEU A 12 4.51 -9.33 11.36
C LEU A 12 4.07 -7.88 11.47
N ILE A 13 4.91 -6.97 10.99
CA ILE A 13 4.55 -5.56 10.99
C ILE A 13 5.10 -4.92 9.74
N GLY A 14 4.36 -3.96 9.19
CA GLY A 14 4.85 -3.08 8.14
C GLY A 14 3.84 -2.01 7.79
N ASN A 15 4.17 -1.15 6.83
CA ASN A 15 3.21 -0.25 6.21
C ASN A 15 2.03 -1.05 5.69
N PRO A 16 0.88 -0.38 5.48
CA PRO A 16 -0.26 -1.03 4.84
C PRO A 16 0.08 -1.39 3.41
N ASN A 17 -0.58 -2.42 2.87
CA ASN A 17 -0.46 -2.74 1.46
C ASN A 17 0.91 -3.21 1.01
N VAL A 18 1.71 -3.77 1.91
CA VAL A 18 3.04 -4.25 1.51
C VAL A 18 3.11 -5.75 1.28
N GLY A 19 2.03 -6.48 1.55
CA GLY A 19 2.02 -7.93 1.39
C GLY A 19 1.97 -8.71 2.69
N LYS A 20 1.63 -8.03 3.76
CA LYS A 20 1.57 -8.61 5.08
C LYS A 20 0.53 -9.74 5.15
N SER A 21 -0.66 -9.48 4.64
CA SER A 21 -1.70 -10.49 4.63
C SER A 21 -1.28 -11.66 3.74
N THR A 22 -0.74 -11.32 2.57
CA THR A 22 -0.29 -12.33 1.62
C THR A 22 0.76 -13.24 2.25
N ILE A 23 1.71 -12.62 2.94
CA ILE A 23 2.75 -13.39 3.62
C ILE A 23 2.18 -14.18 4.79
N PHE A 24 1.24 -13.59 5.54
CA PHE A 24 0.61 -14.31 6.64
C PHE A 24 -0.10 -15.57 6.16
N ASN A 25 -0.95 -15.43 5.15
CA ASN A 25 -1.65 -16.59 4.59
C ASN A 25 -0.70 -17.66 4.08
N ALA A 26 0.35 -17.24 3.38
CA ALA A 26 1.33 -18.20 2.84
C ALA A 26 2.01 -18.98 3.95
N LEU A 27 2.31 -18.30 5.06
CA LEU A 27 2.99 -18.99 6.16
C LEU A 27 2.10 -19.93 6.97
N THR A 28 0.83 -19.54 7.17
CA THR A 28 -0.03 -20.25 8.11
C THR A 28 -1.17 -21.05 7.46
N GLY A 29 -1.52 -20.70 6.24
CA GLY A 29 -2.60 -21.36 5.53
C GLY A 29 -3.91 -21.46 6.29
N GLU A 30 -4.25 -22.67 6.71
CA GLU A 30 -5.58 -22.97 7.21
C GLU A 30 -5.68 -22.85 8.72
N ASN A 31 -4.54 -22.89 9.40
CA ASN A 31 -4.49 -22.66 10.85
C ASN A 31 -4.53 -21.17 11.14
N VAL A 32 -5.72 -20.62 11.31
CA VAL A 32 -5.83 -19.17 11.45
C VAL A 32 -7.03 -18.76 12.30
N TYR A 33 -6.77 -17.90 13.27
CA TYR A 33 -7.85 -17.29 14.02
C TYR A 33 -7.99 -15.82 13.67
N ILE A 34 -9.22 -15.42 13.37
CA ILE A 34 -9.51 -14.04 13.05
C ILE A 34 -10.44 -13.45 14.08
N GLY A 35 -9.98 -12.38 14.72
CA GLY A 35 -10.76 -11.69 15.74
C GLY A 35 -10.43 -10.21 15.76
N ASN A 36 -10.80 -9.53 16.84
CA ASN A 36 -10.49 -8.11 17.01
C ASN A 36 -9.49 -7.91 18.12
N TRP A 37 -8.75 -6.82 18.07
CA TRP A 37 -8.03 -6.39 19.27
C TRP A 37 -9.08 -5.96 20.30
N PRO A 38 -8.76 -6.04 21.60
CA PRO A 38 -9.78 -5.80 22.63
C PRO A 38 -10.44 -4.41 22.56
N GLY A 39 -11.76 -4.38 22.68
CA GLY A 39 -12.53 -3.14 22.70
C GLY A 39 -12.39 -2.29 21.45
N VAL A 40 -12.03 -2.91 20.33
CA VAL A 40 -11.78 -2.11 19.15
C VAL A 40 -12.19 -2.90 17.90
N THR A 41 -12.35 -2.21 16.77
CA THR A 41 -12.69 -2.94 15.54
C THR A 41 -11.49 -3.15 14.64
N VAL A 42 -10.30 -3.00 15.20
CA VAL A 42 -9.09 -3.35 14.47
C VAL A 42 -8.92 -4.87 14.47
N GLU A 43 -8.73 -5.42 13.28
CA GLU A 43 -8.64 -6.86 13.12
C GLU A 43 -7.34 -7.40 13.72
N LYS A 44 -7.43 -8.56 14.35
CA LYS A 44 -6.24 -9.26 14.81
C LYS A 44 -6.18 -10.67 14.19
N LYS A 45 -5.28 -10.89 13.25
CA LYS A 45 -5.09 -12.24 12.71
C LYS A 45 -3.94 -12.97 13.41
N GLU A 46 -4.20 -14.20 13.86
CA GLU A 46 -3.18 -15.05 14.45
C GLU A 46 -3.24 -16.42 13.81
N GLY A 47 -2.09 -17.07 13.71
CA GLY A 47 -2.05 -18.43 13.22
C GLY A 47 -0.72 -19.03 13.59
N GLU A 48 -0.42 -20.19 13.01
CA GLU A 48 0.84 -20.86 13.26
C GLU A 48 1.19 -21.79 12.13
N PHE A 49 2.47 -22.05 11.99
CA PHE A 49 2.95 -23.06 11.05
C PHE A 49 4.02 -23.85 11.77
N GLU A 50 4.38 -24.98 11.19
CA GLU A 50 5.38 -25.83 11.80
C GLU A 50 6.54 -25.91 10.81
N TYR A 51 7.76 -25.82 11.32
CA TYR A 51 8.90 -25.86 10.43
C TYR A 51 10.10 -26.51 11.11
N ASN A 52 10.61 -27.58 10.49
CA ASN A 52 11.83 -28.19 10.95
C ASN A 52 11.67 -28.62 12.40
N GLY A 53 10.48 -29.12 12.72
CA GLY A 53 10.20 -29.68 14.03
C GLY A 53 9.85 -28.70 15.14
N GLU A 54 9.71 -27.43 14.81
CA GLU A 54 9.37 -26.43 15.81
C GLU A 54 8.09 -25.70 15.44
N LYS A 55 7.41 -25.13 16.44
CA LYS A 55 6.15 -24.44 16.20
C LYS A 55 6.32 -22.93 16.24
N PHE A 56 5.74 -22.25 15.24
CA PHE A 56 5.86 -20.81 15.11
C PHE A 56 4.50 -20.13 15.17
N LYS A 57 4.27 -19.34 16.23
CA LYS A 57 3.02 -18.60 16.32
C LYS A 57 3.20 -17.24 15.69
N VAL A 58 2.29 -16.88 14.79
CA VAL A 58 2.37 -15.65 14.05
C VAL A 58 1.20 -14.77 14.44
N VAL A 59 1.50 -13.51 14.69
CA VAL A 59 0.45 -12.53 14.92
C VAL A 59 0.68 -11.45 13.91
N ASP A 60 -0.38 -11.09 13.19
CA ASP A 60 -0.32 -9.99 12.24
C ASP A 60 -0.64 -8.70 12.99
N LEU A 61 0.32 -7.79 13.05
CA LEU A 61 0.11 -6.50 13.70
C LEU A 61 -0.56 -5.53 12.74
N PRO A 62 -1.29 -4.53 13.27
CA PRO A 62 -1.90 -3.52 12.39
C PRO A 62 -0.87 -2.83 11.48
N GLY A 63 -1.21 -2.57 10.22
CA GLY A 63 -0.31 -1.85 9.33
C GLY A 63 -0.09 -0.42 9.84
N VAL A 64 1.17 0.02 9.93
CA VAL A 64 1.48 1.37 10.40
C VAL A 64 2.67 1.96 9.64
N TYR A 65 2.69 3.29 9.55
CA TYR A 65 3.79 4.00 8.88
C TYR A 65 4.83 4.43 9.88
N SER A 66 4.42 4.51 11.15
CA SER A 66 5.27 5.00 12.22
C SER A 66 4.81 4.37 13.53
N LEU A 67 5.66 4.39 14.55
CA LEU A 67 5.28 3.90 15.88
C LEU A 67 5.30 5.00 16.91
N THR A 68 4.73 6.15 16.56
CA THR A 68 4.46 7.17 17.55
C THR A 68 3.18 6.73 18.26
N ALA A 69 2.31 7.66 18.58
CA ALA A 69 1.03 7.26 19.14
C ALA A 69 -0.10 8.05 18.52
N ASN A 70 -0.03 8.20 17.20
CA ASN A 70 -0.98 9.04 16.47
C ASN A 70 -2.25 8.31 16.07
N SER A 71 -2.31 7.02 16.39
CA SER A 71 -3.50 6.23 16.10
C SER A 71 -3.49 5.05 17.04
N ILE A 72 -4.66 4.49 17.28
CA ILE A 72 -4.75 3.30 18.11
C ILE A 72 -4.00 2.12 17.48
N ASP A 73 -3.92 2.09 16.14
CA ASP A 73 -3.10 1.10 15.43
C ASP A 73 -1.67 1.15 15.95
N GLU A 74 -1.08 2.34 15.88
CA GLU A 74 0.29 2.54 16.34
C GLU A 74 0.43 2.19 17.81
N ILE A 75 -0.57 2.50 18.60
CA ILE A 75 -0.46 2.24 20.01
C ILE A 75 -0.52 0.74 20.26
N ILE A 76 -1.48 0.09 19.63
CA ILE A 76 -1.59 -1.36 19.71
C ILE A 76 -0.28 -2.04 19.29
N ALA A 77 0.26 -1.64 18.15
CA ALA A 77 1.47 -2.28 17.61
C ALA A 77 2.66 -2.05 18.53
N ARG A 78 2.88 -0.79 18.91
CA ARG A 78 3.98 -0.48 19.81
C ARG A 78 3.84 -1.24 21.14
N ASP A 79 2.67 -1.19 21.75
CA ASP A 79 2.48 -1.92 22.99
C ASP A 79 2.79 -3.42 22.83
N TYR A 80 2.39 -4.00 21.71
CA TYR A 80 2.67 -5.42 21.49
C TYR A 80 4.17 -5.65 21.39
N ILE A 81 4.84 -4.88 20.55
CA ILE A 81 6.26 -5.12 20.34
C ILE A 81 7.05 -4.98 21.65
N ILE A 82 6.86 -3.87 22.35
CA ILE A 82 7.61 -3.60 23.57
C ILE A 82 7.22 -4.54 24.70
N ASN A 83 5.91 -4.71 24.90
CA ASN A 83 5.41 -5.37 26.10
C ASN A 83 5.00 -6.85 25.97
N GLU A 84 4.80 -7.34 24.76
CA GLU A 84 4.53 -8.77 24.59
C GLU A 84 5.82 -9.49 24.20
N LYS A 85 6.82 -8.74 23.78
CA LYS A 85 8.15 -9.29 23.52
C LYS A 85 8.13 -10.54 22.62
N PRO A 86 7.80 -10.35 21.34
CA PRO A 86 7.83 -11.51 20.45
C PRO A 86 9.26 -12.00 20.28
N ASP A 87 9.43 -13.30 20.07
CA ASP A 87 10.74 -13.86 19.79
C ASP A 87 11.37 -13.21 18.56
N LEU A 88 10.54 -12.85 17.60
CA LEU A 88 11.05 -12.23 16.39
C LEU A 88 10.03 -11.28 15.81
N VAL A 89 10.51 -10.13 15.35
CA VAL A 89 9.69 -9.24 14.59
C VAL A 89 10.11 -9.31 13.12
N VAL A 90 9.18 -9.78 12.28
CA VAL A 90 9.39 -9.76 10.85
C VAL A 90 8.85 -8.45 10.29
N ASN A 91 9.74 -7.56 9.90
CA ASN A 91 9.35 -6.28 9.35
C ASN A 91 9.19 -6.48 7.87
N ILE A 92 7.96 -6.41 7.38
CA ILE A 92 7.72 -6.62 5.96
C ILE A 92 7.75 -5.28 5.26
N VAL A 93 8.66 -5.17 4.29
CA VAL A 93 9.00 -3.91 3.65
C VAL A 93 8.78 -4.05 2.16
N ASP A 94 8.18 -3.01 1.56
CA ASP A 94 7.86 -3.01 0.14
C ASP A 94 9.00 -2.38 -0.66
N ALA A 95 9.66 -3.20 -1.46
CA ALA A 95 10.83 -2.80 -2.25
C ALA A 95 10.55 -1.66 -3.23
N THR A 96 9.29 -1.45 -3.57
CA THR A 96 8.93 -0.38 -4.50
C THR A 96 8.77 0.97 -3.82
N ALA A 97 8.91 1.01 -2.49
CA ALA A 97 8.97 2.31 -1.81
C ALA A 97 9.85 2.19 -0.58
N LEU A 98 11.13 1.93 -0.80
CA LEU A 98 12.04 1.56 0.28
C LEU A 98 12.15 2.67 1.31
N GLU A 99 12.43 3.88 0.82
CA GLU A 99 12.77 4.98 1.71
C GLU A 99 11.66 5.20 2.72
N ARG A 100 10.43 5.29 2.22
CA ARG A 100 9.29 5.51 3.11
C ARG A 100 9.05 4.33 4.05
N ASN A 101 9.26 3.10 3.54
CA ASN A 101 9.10 1.91 4.37
C ASN A 101 10.11 1.86 5.52
N LEU A 102 11.32 2.35 5.26
CA LEU A 102 12.38 2.29 6.27
C LEU A 102 12.19 3.21 7.48
N TYR A 103 11.39 4.26 7.32
CA TYR A 103 11.05 5.11 8.45
C TYR A 103 10.64 4.23 9.64
N LEU A 104 9.68 3.35 9.41
CA LEU A 104 9.22 2.44 10.45
C LEU A 104 10.32 1.49 10.89
N THR A 105 11.05 0.94 9.93
CA THR A 105 12.12 -0.02 10.20
C THR A 105 13.12 0.53 11.21
N LEU A 106 13.51 1.79 10.99
CA LEU A 106 14.44 2.48 11.87
C LEU A 106 13.94 2.54 13.30
N GLN A 107 12.67 2.90 13.48
CA GLN A 107 12.13 2.98 14.84
C GLN A 107 12.20 1.59 15.45
N LEU A 108 11.86 0.57 14.65
CA LEU A 108 11.86 -0.80 15.13
C LEU A 108 13.24 -1.22 15.67
N MET A 109 14.29 -0.89 14.93
CA MET A 109 15.65 -1.22 15.34
C MET A 109 15.96 -0.48 16.63
N GLU A 110 15.57 0.78 16.64
CA GLU A 110 15.82 1.67 17.76
C GLU A 110 15.05 1.27 19.02
N MET A 111 14.19 0.26 18.91
CA MET A 111 13.49 -0.27 20.09
C MET A 111 14.11 -1.57 20.56
N GLY A 112 15.18 -2.00 19.90
CA GLY A 112 15.79 -3.28 20.23
C GLY A 112 14.92 -4.48 19.90
N ALA A 113 14.11 -4.36 18.85
CA ALA A 113 13.35 -5.51 18.38
C ALA A 113 14.31 -6.53 17.79
N ASN A 114 14.04 -7.82 18.03
CA ASN A 114 14.75 -8.83 17.30
C ASN A 114 14.14 -8.84 15.91
N LEU A 115 14.87 -8.26 14.96
CA LEU A 115 14.34 -7.97 13.64
C LEU A 115 14.78 -8.94 12.56
N LEU A 116 13.87 -9.22 11.65
CA LEU A 116 14.20 -9.81 10.36
C LEU A 116 13.45 -9.01 9.32
N LEU A 117 14.12 -8.69 8.22
CA LEU A 117 13.49 -7.87 7.23
C LEU A 117 13.06 -8.69 6.01
N ALA A 118 11.77 -8.73 5.74
CA ALA A 118 11.24 -9.42 4.57
C ALA A 118 11.00 -8.38 3.49
N LEU A 119 11.87 -8.35 2.49
CA LEU A 119 11.81 -7.35 1.44
C LEU A 119 10.95 -7.91 0.31
N ASN A 120 9.68 -7.53 0.34
CA ASN A 120 8.64 -8.09 -0.53
C ASN A 120 8.47 -7.29 -1.80
N LYS A 121 7.72 -7.84 -2.74
CA LYS A 121 7.45 -7.18 -4.03
C LYS A 121 8.69 -6.98 -4.92
N MET A 122 9.67 -7.87 -4.78
CA MET A 122 10.87 -7.81 -5.65
C MET A 122 10.46 -7.84 -7.13
N ASP A 123 9.44 -8.64 -7.43
CA ASP A 123 8.96 -8.73 -8.81
C ASP A 123 8.45 -7.39 -9.29
N LEU A 124 7.67 -6.70 -8.45
CA LEU A 124 7.10 -5.41 -8.84
C LEU A 124 8.21 -4.40 -9.06
N ALA A 125 9.22 -4.43 -8.21
CA ALA A 125 10.33 -3.50 -8.37
C ALA A 125 11.06 -3.74 -9.69
N LYS A 126 11.32 -5.02 -9.98
CA LYS A 126 11.95 -5.44 -11.23
C LYS A 126 11.19 -4.85 -12.40
N SER A 127 9.88 -5.08 -12.42
CA SER A 127 9.10 -4.60 -13.56
C SER A 127 8.95 -3.09 -13.62
N LEU A 128 9.24 -2.37 -12.54
CA LEU A 128 9.15 -0.91 -12.57
C LEU A 128 10.53 -0.29 -12.70
N GLY A 129 11.55 -1.13 -12.87
CA GLY A 129 12.90 -0.64 -13.04
C GLY A 129 13.51 -0.08 -11.77
N ILE A 130 13.00 -0.52 -10.61
CA ILE A 130 13.52 -0.07 -9.33
C ILE A 130 14.64 -0.97 -8.81
N GLU A 131 15.79 -0.37 -8.58
CA GLU A 131 17.00 -1.08 -8.23
C GLU A 131 17.25 -1.11 -6.74
N ILE A 132 17.28 -2.31 -6.17
CA ILE A 132 17.69 -2.43 -4.78
C ILE A 132 18.93 -3.30 -4.59
N ASP A 133 19.95 -2.72 -3.98
CA ASP A 133 21.15 -3.44 -3.63
C ASP A 133 20.92 -4.11 -2.29
N VAL A 134 20.39 -5.31 -2.34
CA VAL A 134 20.02 -6.03 -1.12
C VAL A 134 21.17 -6.11 -0.12
N ASP A 135 22.36 -6.40 -0.60
CA ASP A 135 23.53 -6.58 0.26
C ASP A 135 23.89 -5.32 0.99
N LYS A 136 23.93 -4.22 0.25
CA LYS A 136 24.22 -2.91 0.83
C LYS A 136 23.21 -2.65 1.93
N LEU A 137 21.95 -3.01 1.63
CA LEU A 137 20.86 -2.86 2.60
C LEU A 137 21.14 -3.65 3.88
N GLU A 138 21.42 -4.94 3.76
CA GLU A 138 21.71 -5.74 4.95
C GLU A 138 22.79 -5.05 5.76
N LYS A 139 23.89 -4.74 5.08
CA LYS A 139 25.08 -4.15 5.69
C LYS A 139 24.81 -2.89 6.49
N ILE A 140 24.18 -1.91 5.84
CA ILE A 140 23.83 -0.65 6.50
C ILE A 140 22.88 -0.84 7.70
N LEU A 141 21.80 -1.60 7.50
CA LEU A 141 20.82 -1.84 8.56
C LEU A 141 21.40 -2.70 9.68
N GLY A 142 22.30 -3.60 9.33
CA GLY A 142 22.75 -4.58 10.28
C GLY A 142 21.65 -5.57 10.65
N VAL A 143 20.65 -5.72 9.77
CA VAL A 143 19.66 -6.77 9.99
C VAL A 143 19.53 -7.61 8.73
N LYS A 144 19.27 -8.90 8.92
CA LYS A 144 19.18 -9.79 7.78
C LYS A 144 17.99 -9.39 6.94
N VAL A 145 18.19 -9.37 5.62
CA VAL A 145 17.05 -9.18 4.73
C VAL A 145 16.85 -10.35 3.77
N VAL A 146 15.60 -10.71 3.58
CA VAL A 146 15.21 -11.81 2.75
C VAL A 146 14.35 -11.23 1.65
N PRO A 147 14.83 -11.27 0.40
CA PRO A 147 14.02 -10.80 -0.73
C PRO A 147 13.02 -11.87 -1.10
N LEU A 148 11.81 -11.45 -1.49
CA LEU A 148 10.77 -12.37 -1.94
C LEU A 148 9.71 -11.66 -2.76
N SER A 149 8.85 -12.46 -3.40
CA SER A 149 7.63 -11.96 -4.01
C SER A 149 6.52 -12.90 -3.57
N ALA A 150 5.89 -12.57 -2.44
CA ALA A 150 4.93 -13.48 -1.83
C ALA A 150 3.74 -13.76 -2.75
N ALA A 151 3.36 -12.78 -3.56
CA ALA A 151 2.15 -12.95 -4.35
C ALA A 151 2.41 -13.96 -5.46
N LYS A 152 3.68 -14.10 -5.81
CA LYS A 152 4.11 -15.00 -6.88
C LYS A 152 4.66 -16.27 -6.25
N LYS A 153 4.54 -16.38 -4.93
CA LYS A 153 5.02 -17.55 -4.20
C LYS A 153 6.50 -17.86 -4.47
N MET A 154 7.35 -16.84 -4.38
CA MET A 154 8.78 -17.01 -4.49
C MET A 154 9.44 -16.39 -3.26
N GLY A 155 10.29 -17.16 -2.58
CA GLY A 155 11.06 -16.67 -1.45
C GLY A 155 10.39 -16.97 -0.12
N ILE A 156 9.15 -17.44 -0.19
CA ILE A 156 8.45 -17.83 1.02
C ILE A 156 9.19 -18.92 1.79
N GLU A 157 9.69 -19.95 1.10
CA GLU A 157 10.42 -20.99 1.83
C GLU A 157 11.75 -20.44 2.39
N GLU A 158 12.40 -19.55 1.66
CA GLU A 158 13.54 -18.81 2.22
C GLU A 158 13.16 -18.17 3.52
N LEU A 159 12.06 -17.42 3.48
CA LEU A 159 11.62 -16.66 4.64
C LEU A 159 11.42 -17.61 5.82
N LYS A 160 10.73 -18.72 5.58
CA LYS A 160 10.50 -19.69 6.64
C LYS A 160 11.82 -20.07 7.29
N LYS A 161 12.81 -20.41 6.47
CA LYS A 161 14.11 -20.82 6.98
C LYS A 161 14.77 -19.70 7.76
N ALA A 162 14.86 -18.53 7.14
CA ALA A 162 15.47 -17.39 7.80
C ALA A 162 14.80 -17.08 9.16
N ILE A 163 13.50 -17.33 9.24
CA ILE A 163 12.77 -17.09 10.48
C ILE A 163 13.22 -18.09 11.56
N SER A 164 13.30 -19.36 11.20
CA SER A 164 13.67 -20.42 12.15
C SER A 164 15.04 -20.16 12.74
N ILE A 165 15.87 -19.46 11.97
CA ILE A 165 17.22 -19.13 12.38
C ILE A 165 17.27 -17.83 13.21
N ALA A 166 16.60 -16.79 12.74
CA ALA A 166 16.67 -15.48 13.39
C ALA A 166 16.04 -15.53 14.77
N VAL A 167 15.29 -16.59 15.01
CA VAL A 167 14.56 -16.77 16.25
C VAL A 167 15.50 -17.32 17.33
N LYS A 168 16.40 -18.23 16.94
CA LYS A 168 17.41 -18.78 17.83
C LYS A 168 18.42 -17.71 18.21
N ASP A 169 18.08 -16.47 17.86
CA ASP A 169 18.99 -15.34 18.01
C ASP A 169 18.50 -14.36 19.08
N LYS A 170 17.77 -14.89 20.06
CA LYS A 170 17.28 -14.06 21.17
C LYS A 170 18.12 -14.23 22.41
N HIS B 4 -28.75 23.63 -21.96
CA HIS B 4 -28.49 23.35 -20.56
C HIS B 4 -26.99 23.16 -20.26
N MET B 5 -26.67 22.16 -19.45
CA MET B 5 -25.33 22.03 -18.88
C MET B 5 -24.26 21.47 -19.79
N LYS B 6 -23.19 22.24 -20.00
CA LYS B 6 -21.99 21.74 -20.65
C LYS B 6 -21.58 20.51 -19.87
N SER B 7 -21.16 19.45 -20.55
CA SER B 7 -20.93 18.19 -19.85
C SER B 7 -19.53 17.61 -20.10
N TYR B 8 -18.90 17.10 -19.05
CA TYR B 8 -17.56 16.53 -19.15
C TYR B 8 -17.41 15.13 -18.55
N GLU B 9 -16.55 14.34 -19.17
CA GLU B 9 -16.21 13.02 -18.63
C GLU B 9 -14.76 12.99 -18.20
N ILE B 10 -14.52 12.76 -16.90
CA ILE B 10 -13.16 12.64 -16.42
C ILE B 10 -12.91 11.29 -15.76
N ALA B 11 -11.65 10.87 -15.72
CA ALA B 11 -11.32 9.54 -15.24
C ALA B 11 -10.25 9.65 -14.19
N LEU B 12 -10.39 8.87 -13.13
CA LEU B 12 -9.38 8.84 -12.07
C LEU B 12 -8.54 7.58 -12.26
N ILE B 13 -7.23 7.71 -12.10
CA ILE B 13 -6.33 6.57 -12.19
C ILE B 13 -5.09 6.80 -11.35
N GLY B 14 -4.64 5.74 -10.68
CA GLY B 14 -3.37 5.76 -9.97
C GLY B 14 -3.04 4.36 -9.47
N ASN B 15 -1.90 4.23 -8.80
CA ASN B 15 -1.56 2.96 -8.17
C ASN B 15 -2.64 2.60 -7.15
N PRO B 16 -2.66 1.33 -6.71
CA PRO B 16 -3.55 0.96 -5.61
C PRO B 16 -3.15 1.71 -4.36
N ASN B 17 -4.13 2.03 -3.51
CA ASN B 17 -3.89 2.51 -2.15
C ASN B 17 -3.34 3.93 -2.11
N VAL B 18 -3.68 4.75 -3.10
CA VAL B 18 -3.19 6.11 -3.12
C VAL B 18 -4.25 7.11 -2.69
N GLY B 19 -5.48 6.65 -2.46
CA GLY B 19 -6.57 7.51 -2.04
C GLY B 19 -7.60 7.76 -3.12
N LYS B 20 -7.56 6.96 -4.18
CA LYS B 20 -8.44 7.18 -5.32
C LYS B 20 -9.91 7.03 -4.90
N SER B 21 -10.20 6.00 -4.13
CA SER B 21 -11.55 5.81 -3.63
C SER B 21 -11.97 7.01 -2.75
N THR B 22 -11.07 7.44 -1.87
CA THR B 22 -11.34 8.59 -1.01
C THR B 22 -11.66 9.83 -1.83
N ILE B 23 -10.82 10.11 -2.81
CA ILE B 23 -11.02 11.27 -3.67
C ILE B 23 -12.29 11.13 -4.48
N PHE B 24 -12.54 9.94 -5.01
CA PHE B 24 -13.80 9.71 -5.73
C PHE B 24 -15.00 10.07 -4.85
N ASN B 25 -15.01 9.58 -3.62
CA ASN B 25 -16.12 9.87 -2.71
C ASN B 25 -16.28 11.36 -2.39
N ALA B 26 -15.16 12.04 -2.18
CA ALA B 26 -15.21 13.44 -1.84
C ALA B 26 -15.82 14.27 -2.97
N LEU B 27 -15.63 13.84 -4.21
CA LEU B 27 -16.09 14.61 -5.35
C LEU B 27 -17.53 14.31 -5.73
N THR B 28 -18.05 13.15 -5.33
CA THR B 28 -19.33 12.68 -5.82
C THR B 28 -20.41 12.51 -4.76
N GLY B 29 -20.02 12.16 -3.54
CA GLY B 29 -20.97 11.98 -2.45
C GLY B 29 -21.95 10.82 -2.62
N GLU B 30 -23.24 11.15 -2.63
CA GLU B 30 -24.31 10.14 -2.65
C GLU B 30 -24.75 9.75 -4.06
N ASN B 31 -24.52 10.63 -5.03
CA ASN B 31 -24.89 10.37 -6.42
C ASN B 31 -23.85 9.47 -7.08
N VAL B 32 -23.95 8.17 -6.83
CA VAL B 32 -22.90 7.24 -7.18
C VAL B 32 -23.46 5.89 -7.60
N TYR B 33 -22.87 5.32 -8.64
CA TYR B 33 -23.25 3.98 -9.09
C TYR B 33 -22.11 3.01 -8.87
N ILE B 34 -22.45 1.81 -8.42
CA ILE B 34 -21.44 0.77 -8.25
C ILE B 34 -21.87 -0.49 -9.00
N GLY B 35 -21.24 -0.73 -10.13
CA GLY B 35 -21.40 -1.96 -10.88
C GLY B 35 -20.03 -2.56 -11.06
N ASN B 36 -19.86 -3.35 -12.13
CA ASN B 36 -18.57 -3.94 -12.40
C ASN B 36 -18.28 -3.84 -13.88
N TRP B 37 -17.00 -3.98 -14.24
CA TRP B 37 -16.65 -3.99 -15.65
C TRP B 37 -17.24 -5.22 -16.32
N PRO B 38 -17.58 -5.09 -17.61
CA PRO B 38 -18.45 -5.96 -18.40
C PRO B 38 -18.21 -7.47 -18.30
N GLY B 39 -17.00 -7.91 -18.01
CA GLY B 39 -16.81 -9.34 -18.06
C GLY B 39 -16.40 -9.97 -16.76
N VAL B 40 -16.20 -9.15 -15.74
CA VAL B 40 -15.42 -9.55 -14.59
C VAL B 40 -16.01 -9.09 -13.26
N THR B 41 -15.23 -9.28 -12.19
CA THR B 41 -15.62 -8.84 -10.87
C THR B 41 -14.94 -7.53 -10.52
N VAL B 42 -14.15 -7.00 -11.45
CA VAL B 42 -13.52 -5.71 -11.21
C VAL B 42 -14.60 -4.67 -11.08
N GLU B 43 -14.65 -4.05 -9.91
CA GLU B 43 -15.63 -3.04 -9.60
C GLU B 43 -15.49 -1.86 -10.52
N LYS B 44 -16.63 -1.30 -10.94
CA LYS B 44 -16.63 -0.05 -11.69
C LYS B 44 -17.47 1.03 -10.97
N LYS B 45 -16.79 2.04 -10.41
CA LYS B 45 -17.50 3.14 -9.77
C LYS B 45 -17.67 4.30 -10.74
N GLU B 46 -18.91 4.81 -10.80
CA GLU B 46 -19.24 5.98 -11.61
C GLU B 46 -20.00 6.97 -10.75
N GLY B 47 -19.77 8.25 -11.01
CA GLY B 47 -20.42 9.28 -10.24
C GLY B 47 -20.37 10.59 -11.00
N GLU B 48 -20.61 11.67 -10.28
CA GLU B 48 -20.68 12.97 -10.91
C GLU B 48 -20.83 14.08 -9.88
N PHE B 49 -20.26 15.24 -10.18
CA PHE B 49 -20.48 16.44 -9.40
C PHE B 49 -20.64 17.58 -10.38
N GLU B 50 -21.27 18.65 -9.95
CA GLU B 50 -21.33 19.85 -10.77
C GLU B 50 -20.49 20.95 -10.13
N TYR B 51 -20.05 21.90 -10.94
CA TYR B 51 -19.16 22.94 -10.49
C TYR B 51 -19.23 24.04 -11.52
N ASN B 52 -19.75 25.20 -11.11
CA ASN B 52 -19.82 26.33 -12.00
C ASN B 52 -20.80 26.11 -13.16
N GLY B 53 -21.94 25.47 -12.86
CA GLY B 53 -22.93 25.15 -13.89
C GLY B 53 -22.63 23.92 -14.72
N GLU B 54 -21.34 23.63 -14.90
CA GLU B 54 -20.90 22.50 -15.72
C GLU B 54 -20.99 21.17 -14.99
N LYS B 55 -21.41 20.14 -15.71
CA LYS B 55 -21.56 18.79 -15.16
C LYS B 55 -20.30 17.97 -15.34
N PHE B 56 -19.93 17.20 -14.32
CA PHE B 56 -18.69 16.42 -14.38
C PHE B 56 -18.88 14.92 -14.06
N LYS B 57 -18.72 14.08 -15.07
CA LYS B 57 -18.90 12.64 -14.88
C LYS B 57 -17.56 12.01 -14.50
N VAL B 58 -17.57 11.29 -13.39
CA VAL B 58 -16.34 10.71 -12.88
C VAL B 58 -16.43 9.21 -12.99
N VAL B 59 -15.41 8.62 -13.59
CA VAL B 59 -15.27 7.17 -13.62
C VAL B 59 -14.02 6.79 -12.85
N ASP B 60 -14.14 5.85 -11.95
CA ASP B 60 -12.97 5.36 -11.22
C ASP B 60 -12.38 4.15 -11.93
N LEU B 61 -11.15 4.30 -12.44
CA LEU B 61 -10.47 3.24 -13.19
C LEU B 61 -9.69 2.33 -12.24
N PRO B 62 -9.54 1.05 -12.61
CA PRO B 62 -8.83 0.14 -11.71
C PRO B 62 -7.45 0.66 -11.38
N GLY B 63 -7.04 0.52 -10.12
CA GLY B 63 -5.69 0.87 -9.71
C GLY B 63 -4.65 0.02 -10.39
N VAL B 64 -3.64 0.68 -10.95
CA VAL B 64 -2.58 0.01 -11.69
C VAL B 64 -1.24 0.67 -11.46
N TYR B 65 -0.18 -0.12 -11.60
CA TYR B 65 1.17 0.40 -11.47
C TYR B 65 1.81 0.73 -12.80
N SER B 66 1.28 0.13 -13.86
CA SER B 66 1.78 0.37 -15.21
C SER B 66 0.65 0.12 -16.21
N LEU B 67 0.83 0.56 -17.44
CA LEU B 67 -0.18 0.41 -18.49
C LEU B 67 0.31 -0.46 -19.62
N THR B 68 0.78 -1.65 -19.26
CA THR B 68 1.07 -2.64 -20.25
C THR B 68 -0.20 -3.48 -20.36
N ALA B 69 -0.07 -4.79 -20.50
CA ALA B 69 -1.27 -5.60 -20.54
C ALA B 69 -1.07 -6.85 -19.72
N ASN B 70 -0.46 -6.69 -18.55
CA ASN B 70 -0.12 -7.84 -17.74
C ASN B 70 -1.19 -8.24 -16.74
N SER B 71 -2.33 -7.56 -16.76
CA SER B 71 -3.43 -7.92 -15.89
C SER B 71 -4.66 -7.40 -16.58
N ILE B 72 -5.81 -7.98 -16.27
CA ILE B 72 -7.06 -7.49 -16.86
C ILE B 72 -7.31 -6.03 -16.43
N ASP B 73 -6.88 -5.68 -15.23
CA ASP B 73 -7.02 -4.30 -14.76
C ASP B 73 -6.25 -3.33 -15.66
N GLU B 74 -4.99 -3.66 -16.00
CA GLU B 74 -4.24 -2.77 -16.90
C GLU B 74 -4.88 -2.72 -18.29
N ILE B 75 -5.51 -3.82 -18.70
CA ILE B 75 -6.18 -3.83 -20.00
C ILE B 75 -7.45 -2.96 -19.98
N ILE B 76 -8.25 -3.08 -18.93
CA ILE B 76 -9.46 -2.30 -18.85
C ILE B 76 -9.10 -0.82 -18.80
N ALA B 77 -8.08 -0.47 -18.04
CA ALA B 77 -7.72 0.94 -17.88
C ALA B 77 -7.14 1.53 -19.17
N ARG B 78 -6.19 0.83 -19.77
CA ARG B 78 -5.56 1.31 -20.99
C ARG B 78 -6.59 1.45 -22.12
N ASP B 79 -7.49 0.48 -22.26
CA ASP B 79 -8.52 0.56 -23.28
C ASP B 79 -9.44 1.74 -23.00
N TYR B 80 -9.77 1.95 -21.73
CA TYR B 80 -10.62 3.08 -21.38
C TYR B 80 -9.95 4.41 -21.72
N ILE B 81 -8.73 4.62 -21.24
CA ILE B 81 -8.02 5.87 -21.50
C ILE B 81 -7.92 6.12 -23.01
N ILE B 82 -7.38 5.15 -23.74
CA ILE B 82 -7.11 5.31 -25.17
C ILE B 82 -8.37 5.33 -26.03
N ASN B 83 -9.33 4.50 -25.70
CA ASN B 83 -10.42 4.24 -26.65
C ASN B 83 -11.75 4.87 -26.26
N GLU B 84 -11.94 5.13 -24.97
CA GLU B 84 -13.15 5.84 -24.54
C GLU B 84 -12.86 7.34 -24.50
N LYS B 85 -11.59 7.68 -24.67
CA LYS B 85 -11.09 9.06 -24.54
C LYS B 85 -11.89 10.02 -23.65
N PRO B 86 -11.46 10.16 -22.40
CA PRO B 86 -12.05 11.11 -21.45
C PRO B 86 -11.54 12.53 -21.73
N ASP B 87 -12.33 13.53 -21.35
CA ASP B 87 -11.89 14.91 -21.51
C ASP B 87 -10.67 15.18 -20.63
N LEU B 88 -10.54 14.43 -19.54
CA LEU B 88 -9.46 14.67 -18.59
C LEU B 88 -9.15 13.42 -17.81
N VAL B 89 -7.85 13.16 -17.65
CA VAL B 89 -7.41 12.08 -16.79
C VAL B 89 -6.77 12.64 -15.52
N VAL B 90 -7.36 12.32 -14.37
CA VAL B 90 -6.81 12.79 -13.12
C VAL B 90 -5.94 11.71 -12.52
N ASN B 91 -4.64 11.92 -12.59
CA ASN B 91 -3.68 10.92 -12.15
C ASN B 91 -3.39 11.14 -10.68
N ILE B 92 -3.96 10.30 -9.83
CA ILE B 92 -3.81 10.43 -8.40
C ILE B 92 -2.53 9.78 -7.95
N VAL B 93 -1.71 10.56 -7.25
CA VAL B 93 -0.35 10.16 -6.94
C VAL B 93 -0.05 10.23 -5.45
N ASP B 94 0.63 9.22 -4.91
CA ASP B 94 0.96 9.15 -3.49
C ASP B 94 2.28 9.85 -3.21
N ALA B 95 2.20 11.00 -2.52
CA ALA B 95 3.38 11.83 -2.23
C ALA B 95 4.49 11.09 -1.49
N THR B 96 4.14 10.05 -0.75
CA THR B 96 5.14 9.32 0.00
C THR B 96 5.87 8.22 -0.77
N ALA B 97 5.57 8.09 -2.07
CA ALA B 97 6.26 7.12 -2.93
C ALA B 97 6.33 7.63 -4.36
N LEU B 98 6.80 8.86 -4.54
CA LEU B 98 6.72 9.50 -5.86
C LEU B 98 7.44 8.72 -6.96
N GLU B 99 8.64 8.23 -6.68
CA GLU B 99 9.42 7.53 -7.71
C GLU B 99 8.53 6.50 -8.37
N ARG B 100 7.97 5.63 -7.56
CA ARG B 100 7.23 4.50 -8.05
C ARG B 100 5.92 4.92 -8.72
N ASN B 101 5.23 5.88 -8.11
CA ASN B 101 3.98 6.41 -8.65
C ASN B 101 4.10 7.05 -10.03
N LEU B 102 5.25 7.66 -10.30
CA LEU B 102 5.42 8.42 -11.54
C LEU B 102 5.71 7.52 -12.73
N TYR B 103 5.88 6.23 -12.45
CA TYR B 103 6.08 5.30 -13.54
C TYR B 103 4.85 5.32 -14.41
N LEU B 104 3.69 5.14 -13.79
CA LEU B 104 2.41 5.27 -14.47
C LEU B 104 2.33 6.66 -15.09
N THR B 105 2.69 7.68 -14.31
CA THR B 105 2.50 9.05 -14.76
C THR B 105 3.14 9.28 -16.12
N LEU B 106 4.36 8.78 -16.28
CA LEU B 106 5.08 8.98 -17.54
C LEU B 106 4.36 8.31 -18.70
N GLN B 107 3.90 7.08 -18.47
CA GLN B 107 3.15 6.37 -19.50
C GLN B 107 1.89 7.14 -19.88
N LEU B 108 1.16 7.61 -18.89
CA LEU B 108 -0.03 8.42 -19.14
C LEU B 108 0.32 9.58 -20.06
N MET B 109 1.53 10.08 -19.94
CA MET B 109 1.98 11.17 -20.79
C MET B 109 2.30 10.73 -22.21
N GLU B 110 3.13 9.70 -22.34
CA GLU B 110 3.45 9.17 -23.66
C GLU B 110 2.17 8.92 -24.45
N MET B 111 1.15 8.43 -23.76
CA MET B 111 -0.10 8.07 -24.40
C MET B 111 -0.90 9.28 -24.84
N GLY B 112 -0.32 10.46 -24.67
CA GLY B 112 -0.95 11.70 -25.10
C GLY B 112 -2.24 12.01 -24.38
N ALA B 113 -2.33 11.58 -23.12
CA ALA B 113 -3.50 11.85 -22.30
C ALA B 113 -3.52 13.31 -21.84
N ASN B 114 -4.73 13.88 -21.77
CA ASN B 114 -4.95 15.16 -21.13
C ASN B 114 -4.98 14.94 -19.62
N LEU B 115 -3.98 15.50 -18.95
CA LEU B 115 -3.60 15.02 -17.63
C LEU B 115 -3.62 16.11 -16.56
N LEU B 116 -4.10 15.75 -15.38
CA LEU B 116 -3.99 16.59 -14.20
C LEU B 116 -3.45 15.70 -13.08
N LEU B 117 -2.38 16.15 -12.43
CA LEU B 117 -1.77 15.35 -11.38
C LEU B 117 -2.27 15.76 -10.00
N ALA B 118 -2.99 14.87 -9.35
CA ALA B 118 -3.48 15.14 -8.01
C ALA B 118 -2.54 14.48 -7.02
N LEU B 119 -1.67 15.28 -6.41
CA LEU B 119 -0.64 14.78 -5.49
C LEU B 119 -1.24 14.62 -4.10
N ASN B 120 -1.54 13.38 -3.71
CA ASN B 120 -2.30 13.13 -2.49
C ASN B 120 -1.40 12.73 -1.32
N LYS B 121 -1.99 12.70 -0.12
CA LYS B 121 -1.30 12.30 1.11
C LYS B 121 -0.19 13.25 1.55
N MET B 122 -0.30 14.51 1.18
CA MET B 122 0.71 15.48 1.63
C MET B 122 0.91 15.53 3.16
N ASP B 123 -0.17 15.34 3.92
CA ASP B 123 -0.04 15.23 5.37
C ASP B 123 0.90 14.10 5.77
N LEU B 124 0.78 12.94 5.11
CA LEU B 124 1.61 11.78 5.48
C LEU B 124 3.08 12.00 5.12
N ALA B 125 3.33 12.58 3.96
CA ALA B 125 4.70 12.94 3.59
C ALA B 125 5.32 13.86 4.65
N LYS B 126 4.53 14.81 5.14
CA LYS B 126 5.00 15.70 6.19
C LYS B 126 5.39 14.92 7.45
N SER B 127 4.48 14.09 7.95
CA SER B 127 4.74 13.34 9.17
C SER B 127 5.91 12.35 9.05
N LEU B 128 6.31 12.01 7.83
CA LEU B 128 7.45 11.12 7.64
C LEU B 128 8.69 11.87 7.18
N GLY B 129 8.61 13.19 7.18
CA GLY B 129 9.76 14.01 6.83
C GLY B 129 10.18 13.78 5.39
N ILE B 130 9.20 13.62 4.52
CA ILE B 130 9.43 13.45 3.10
C ILE B 130 9.13 14.77 2.40
N GLU B 131 10.15 15.34 1.75
CA GLU B 131 10.05 16.67 1.16
C GLU B 131 9.65 16.64 -0.32
N ILE B 132 8.64 17.44 -0.67
CA ILE B 132 8.18 17.51 -2.05
C ILE B 132 8.17 18.94 -2.59
N ASP B 133 8.96 19.18 -3.63
CA ASP B 133 8.92 20.47 -4.30
C ASP B 133 7.84 20.48 -5.38
N VAL B 134 6.63 20.84 -4.99
CA VAL B 134 5.51 20.83 -5.92
C VAL B 134 5.87 21.49 -7.26
N ASP B 135 6.20 22.77 -7.21
CA ASP B 135 6.45 23.55 -8.42
C ASP B 135 7.58 22.98 -9.30
N LYS B 136 8.64 22.47 -8.68
CA LYS B 136 9.72 21.83 -9.41
C LYS B 136 9.18 20.62 -10.18
N LEU B 137 8.37 19.83 -9.49
CA LEU B 137 7.71 18.67 -10.09
C LEU B 137 6.77 19.10 -11.21
N GLU B 138 6.05 20.19 -10.97
CA GLU B 138 5.07 20.67 -11.93
C GLU B 138 5.78 21.05 -13.22
N LYS B 139 6.90 21.76 -13.09
CA LYS B 139 7.62 22.21 -14.28
C LYS B 139 8.34 21.09 -15.03
N ILE B 140 8.79 20.07 -14.30
CA ILE B 140 9.52 18.97 -14.91
C ILE B 140 8.60 18.02 -15.67
N LEU B 141 7.48 17.70 -15.04
CA LEU B 141 6.43 16.91 -15.68
C LEU B 141 5.76 17.71 -16.79
N GLY B 142 5.55 19.00 -16.55
CA GLY B 142 4.85 19.83 -17.50
C GLY B 142 3.33 19.64 -17.45
N VAL B 143 2.83 19.16 -16.32
CA VAL B 143 1.39 19.07 -16.10
C VAL B 143 1.04 19.62 -14.73
N LYS B 144 -0.16 20.16 -14.57
CA LYS B 144 -0.50 20.79 -13.30
C LYS B 144 -0.51 19.76 -12.18
N VAL B 145 0.00 20.16 -11.02
CA VAL B 145 -0.10 19.32 -9.83
C VAL B 145 -0.75 20.03 -8.67
N VAL B 146 -1.75 19.37 -8.11
CA VAL B 146 -2.53 19.87 -7.01
C VAL B 146 -2.24 19.06 -5.75
N PRO B 147 -1.47 19.62 -4.82
CA PRO B 147 -1.19 18.92 -3.56
C PRO B 147 -2.48 18.78 -2.73
N LEU B 148 -2.65 17.67 -2.02
CA LEU B 148 -3.79 17.56 -1.12
C LEU B 148 -3.69 16.43 -0.12
N SER B 149 -4.71 16.33 0.72
CA SER B 149 -4.80 15.33 1.77
C SER B 149 -6.27 14.97 1.90
N ALA B 150 -6.73 14.13 0.97
CA ALA B 150 -8.15 13.81 0.80
C ALA B 150 -8.80 13.24 2.05
N ALA B 151 -8.02 12.52 2.85
CA ALA B 151 -8.54 11.99 4.10
C ALA B 151 -8.86 13.09 5.12
N LYS B 152 -8.72 14.36 4.74
CA LYS B 152 -9.20 15.47 5.56
C LYS B 152 -10.23 16.29 4.79
N LYS B 153 -10.00 16.39 3.48
CA LYS B 153 -10.63 17.40 2.62
C LYS B 153 -9.65 18.54 2.35
N MET B 154 -8.43 18.40 2.87
CA MET B 154 -7.40 19.43 2.74
C MET B 154 -6.95 19.79 1.31
N GLY B 155 -7.88 19.79 0.35
CA GLY B 155 -7.57 20.30 -0.97
C GLY B 155 -8.55 19.92 -2.06
N ILE B 156 -9.72 19.42 -1.66
CA ILE B 156 -10.68 18.97 -2.66
C ILE B 156 -11.14 20.12 -3.56
N GLU B 157 -11.84 21.08 -2.97
CA GLU B 157 -12.38 22.19 -3.74
C GLU B 157 -11.39 22.73 -4.78
N GLU B 158 -10.14 22.91 -4.37
CA GLU B 158 -9.07 23.29 -5.29
C GLU B 158 -8.96 22.31 -6.48
N LEU B 159 -9.06 21.01 -6.21
CA LEU B 159 -9.03 20.00 -7.26
C LEU B 159 -10.25 20.13 -8.17
N LYS B 160 -11.43 20.30 -7.59
CA LYS B 160 -12.63 20.51 -8.41
C LYS B 160 -12.38 21.70 -9.31
N LYS B 161 -11.63 22.67 -8.79
CA LYS B 161 -11.32 23.88 -9.54
C LYS B 161 -10.43 23.53 -10.71
N ALA B 162 -9.29 22.94 -10.40
CA ALA B 162 -8.32 22.58 -11.41
C ALA B 162 -8.97 21.71 -12.49
N ILE B 163 -9.83 20.80 -12.06
CA ILE B 163 -10.50 19.92 -13.01
C ILE B 163 -11.35 20.69 -14.03
N SER B 164 -11.92 21.83 -13.62
CA SER B 164 -12.81 22.58 -14.53
C SER B 164 -12.01 23.48 -15.48
N ILE B 165 -10.81 23.84 -15.06
CA ILE B 165 -9.85 24.50 -15.94
C ILE B 165 -9.31 23.47 -16.95
N ALA B 166 -8.76 22.38 -16.45
CA ALA B 166 -8.04 21.41 -17.26
C ALA B 166 -8.89 20.84 -18.39
N VAL B 167 -10.19 20.65 -18.14
CA VAL B 167 -11.06 20.12 -19.18
C VAL B 167 -11.41 21.18 -20.22
N LYS B 168 -10.40 21.94 -20.62
CA LYS B 168 -10.55 22.89 -21.72
C LYS B 168 -9.26 22.95 -22.53
N ASP B 169 -8.22 22.31 -22.00
CA ASP B 169 -6.91 22.30 -22.61
C ASP B 169 -6.87 21.38 -23.83
N ALA C 1 -4.20 -25.52 20.40
CA ALA C 1 -4.99 -26.61 20.97
C ALA C 1 -4.41 -27.11 22.28
N ALA C 2 -3.08 -27.19 22.34
CA ALA C 2 -2.39 -27.56 23.58
C ALA C 2 -2.27 -26.32 24.47
N ALA C 3 -2.62 -25.16 23.90
CA ALA C 3 -2.67 -23.94 24.67
C ALA C 3 -3.53 -24.18 25.91
N ALA C 4 -4.82 -24.39 25.68
CA ALA C 4 -5.76 -24.64 26.77
C ALA C 4 -5.49 -25.97 27.44
N ALA C 5 -5.66 -27.05 26.69
CA ALA C 5 -5.58 -28.40 27.23
C ALA C 5 -4.16 -28.79 27.64
N ALA C 6 -3.44 -27.81 28.22
CA ALA C 6 -2.12 -28.05 28.78
C ALA C 6 -1.80 -27.07 29.91
N ALA C 7 -2.83 -26.67 30.66
CA ALA C 7 -2.65 -25.78 31.80
C ALA C 7 -2.41 -26.55 33.09
#